data_1AH3
#
_entry.id   1AH3
#
_cell.length_a   68.420
_cell.length_b   68.420
_cell.length_c   153.560
_cell.angle_alpha   90.00
_cell.angle_beta   90.00
_cell.angle_gamma   90.00
#
_symmetry.space_group_name_H-M   'P 43 21 2'
#
loop_
_entity.id
_entity.type
_entity.pdbx_description
1 polymer 'ALDOSE REDUCTASE'
2 non-polymer 'NADP NICOTINAMIDE-ADENINE-DINUCLEOTIDE PHOSPHATE'
3 non-polymer TOLRESTAT
4 water water
#
_entity_poly.entity_id   1
_entity_poly.type   'polypeptide(L)'
_entity_poly.pdbx_seq_one_letter_code
;(AYA)SHLVLYTGAKMPILGLGTWKSPPGKVTEAVKVAIDLGYRHIDCAHVYQNENEVGLGLQEKLQGQVVKREDLFIVS
KLWCTDHEKNLVKGACQTTLRDLKLDYLDLYLIHWPTGFKPGKDPFPLDGDGNVVPDESDFVETWEAMEELVDEGLVKAI
GVSNFNHLQVEKILNKPGLKYKPAVNQIEVHPYLTQEKLIEYCKSKGIVVTAYSPLGSPDRPWAKPEDPSLLEDPRIKAI
AAKYNKTTAQVLIRFPMQRNLIVIPKSVTPERIAENFQVFDFELSPEDMNTLLSYNRNWRVCALMSCASHKDYPFHEEY
;
_entity_poly.pdbx_strand_id   A
#
loop_
_chem_comp.id
_chem_comp.type
_chem_comp.name
_chem_comp.formula
NAP non-polymer 'NADP NICOTINAMIDE-ADENINE-DINUCLEOTIDE PHOSPHATE' 'C21 H28 N7 O17 P3'
TOL non-polymer TOLRESTAT 'C16 H14 F3 N O3 S'
#
# COMPACT_ATOMS: atom_id res chain seq x y z
N AYA A 1 12.12 -12.87 -3.12
CA AYA A 1 11.99 -13.87 -4.14
CB AYA A 1 12.81 -15.11 -3.81
C AYA A 1 10.52 -14.26 -4.21
O AYA A 1 9.91 -14.25 -5.28
CT AYA A 1 12.97 -11.88 -3.35
OT AYA A 1 12.63 -10.98 -4.13
CM AYA A 1 13.91 -11.61 -2.18
H AYA A 1 11.29 -12.54 -2.73
N SER A 2 9.97 -14.58 -3.04
CA SER A 2 8.59 -15.00 -2.92
C SER A 2 7.84 -14.24 -1.82
N HIS A 3 8.55 -13.97 -0.72
CA HIS A 3 8.01 -13.27 0.42
C HIS A 3 9.13 -12.56 1.10
N LEU A 4 8.93 -11.40 1.70
CA LEU A 4 9.99 -10.81 2.49
C LEU A 4 9.60 -11.10 3.93
N VAL A 5 10.36 -10.70 4.94
CA VAL A 5 10.08 -11.12 6.31
C VAL A 5 10.14 -9.85 7.11
N LEU A 6 9.23 -9.74 8.06
CA LEU A 6 9.09 -8.54 8.85
C LEU A 6 9.93 -8.77 10.08
N TYR A 7 10.30 -7.72 10.80
CA TYR A 7 11.09 -7.87 12.01
C TYR A 7 10.44 -8.68 13.14
N THR A 8 9.17 -9.03 12.98
CA THR A 8 8.39 -9.78 13.96
C THR A 8 8.60 -11.28 13.73
N GLY A 9 8.98 -11.59 12.51
CA GLY A 9 9.17 -12.94 12.04
C GLY A 9 8.21 -13.23 10.91
N ALA A 10 7.10 -12.50 10.82
CA ALA A 10 6.04 -12.80 9.86
C ALA A 10 6.43 -12.71 8.41
N LYS A 11 6.07 -13.73 7.65
CA LYS A 11 6.37 -13.77 6.22
C LYS A 11 5.37 -12.94 5.44
N MET A 12 5.84 -11.90 4.76
CA MET A 12 4.93 -11.10 4.00
C MET A 12 5.03 -11.50 2.53
N PRO A 13 4.00 -12.06 1.88
CA PRO A 13 3.98 -12.36 0.45
C PRO A 13 4.44 -11.16 -0.36
N ILE A 14 5.33 -11.35 -1.33
CA ILE A 14 5.87 -10.24 -2.09
C ILE A 14 4.88 -9.67 -3.10
N LEU A 15 3.87 -10.41 -3.56
CA LEU A 15 2.91 -9.85 -4.51
C LEU A 15 1.54 -9.85 -3.82
N GLY A 16 0.79 -8.77 -3.96
CA GLY A 16 -0.52 -8.68 -3.36
C GLY A 16 -1.46 -8.03 -4.33
N LEU A 17 -2.76 -8.10 -4.08
CA LEU A 17 -3.73 -7.46 -4.95
C LEU A 17 -4.13 -6.15 -4.30
N GLY A 18 -4.16 -5.11 -5.11
CA GLY A 18 -4.54 -3.78 -4.65
C GLY A 18 -6.03 -3.60 -4.83
N THR A 19 -6.67 -2.85 -3.94
CA THR A 19 -8.12 -2.71 -4.01
C THR A 19 -8.60 -1.28 -4.20
N TRP A 20 -7.71 -0.29 -4.26
CA TRP A 20 -8.16 1.08 -4.50
C TRP A 20 -8.73 1.17 -5.89
N LYS A 21 -9.86 1.85 -5.95
CA LYS A 21 -10.64 2.07 -7.16
C LYS A 21 -11.29 0.79 -7.62
N SER A 22 -11.13 -0.35 -6.97
CA SER A 22 -11.84 -1.56 -7.35
C SER A 22 -13.29 -1.48 -6.89
N PRO A 23 -14.31 -1.31 -7.75
CA PRO A 23 -15.68 -1.01 -7.34
C PRO A 23 -16.31 -2.10 -6.48
N PRO A 24 -17.15 -1.82 -5.47
CA PRO A 24 -17.72 -2.80 -4.56
C PRO A 24 -18.24 -4.06 -5.25
N GLY A 25 -19.07 -3.90 -6.28
CA GLY A 25 -19.61 -5.02 -7.04
C GLY A 25 -18.61 -5.82 -7.89
N LYS A 26 -17.34 -5.44 -7.99
CA LYS A 26 -16.35 -6.17 -8.78
C LYS A 26 -15.25 -6.75 -7.91
N VAL A 27 -14.97 -6.08 -6.79
CA VAL A 27 -13.87 -6.46 -5.93
C VAL A 27 -14.09 -7.81 -5.27
N THR A 28 -15.31 -8.28 -5.05
CA THR A 28 -15.52 -9.60 -4.47
C THR A 28 -15.08 -10.66 -5.45
N GLU A 29 -15.39 -10.54 -6.73
CA GLU A 29 -14.95 -11.56 -7.64
C GLU A 29 -13.45 -11.43 -7.86
N ALA A 30 -12.91 -10.20 -7.98
CA ALA A 30 -11.46 -9.95 -8.08
C ALA A 30 -10.67 -10.64 -6.95
N VAL A 31 -11.10 -10.46 -5.70
CA VAL A 31 -10.49 -11.13 -4.56
C VAL A 31 -10.61 -12.64 -4.69
N LYS A 32 -11.73 -13.18 -5.15
CA LYS A 32 -11.89 -14.62 -5.27
C LYS A 32 -10.98 -15.20 -6.34
N VAL A 33 -10.92 -14.55 -7.50
CA VAL A 33 -10.07 -14.99 -8.60
C VAL A 33 -8.63 -15.00 -8.11
N ALA A 34 -8.20 -13.92 -7.44
CA ALA A 34 -6.85 -13.78 -6.93
C ALA A 34 -6.48 -14.90 -5.99
N ILE A 35 -7.29 -15.23 -4.98
CA ILE A 35 -6.99 -16.36 -4.12
C ILE A 35 -7.00 -17.66 -4.90
N ASP A 36 -7.84 -17.83 -5.93
CA ASP A 36 -7.80 -19.03 -6.75
C ASP A 36 -6.48 -19.14 -7.51
N LEU A 37 -5.91 -18.06 -8.02
CA LEU A 37 -4.63 -18.12 -8.70
C LEU A 37 -3.47 -18.33 -7.73
N GLY A 38 -3.64 -18.12 -6.44
CA GLY A 38 -2.57 -18.28 -5.50
C GLY A 38 -2.16 -16.97 -4.84
N TYR A 39 -2.82 -15.82 -5.05
CA TYR A 39 -2.47 -14.61 -4.31
C TYR A 39 -2.84 -14.87 -2.85
N ARG A 40 -1.98 -14.48 -1.91
CA ARG A 40 -2.23 -14.68 -0.52
C ARG A 40 -2.18 -13.37 0.23
N HIS A 41 -2.07 -12.24 -0.46
CA HIS A 41 -1.96 -10.95 0.22
C HIS A 41 -2.89 -9.99 -0.48
N ILE A 42 -3.78 -9.35 0.28
CA ILE A 42 -4.74 -8.38 -0.22
C ILE A 42 -4.42 -7.09 0.51
N ASP A 43 -4.33 -5.99 -0.23
CA ASP A 43 -4.08 -4.70 0.36
C ASP A 43 -5.40 -3.95 0.40
N CYS A 44 -5.84 -3.52 1.57
CA CYS A 44 -7.13 -2.88 1.70
C CYS A 44 -6.96 -1.58 2.44
N ALA A 45 -8.07 -0.83 2.55
CA ALA A 45 -8.11 0.39 3.32
C ALA A 45 -9.56 0.76 3.53
N HIS A 46 -9.84 1.32 4.70
CA HIS A 46 -11.18 1.71 5.03
C HIS A 46 -11.69 2.74 4.03
N VAL A 47 -10.86 3.67 3.58
CA VAL A 47 -11.27 4.73 2.69
C VAL A 47 -11.59 4.26 1.27
N TYR A 48 -11.20 3.05 0.90
CA TYR A 48 -11.51 2.59 -0.43
C TYR A 48 -12.99 2.24 -0.51
N GLN A 49 -13.70 2.13 0.64
CA GLN A 49 -15.13 1.89 0.73
C GLN A 49 -15.61 0.59 0.14
N ASN A 50 -14.75 -0.42 0.21
CA ASN A 50 -15.07 -1.73 -0.36
C ASN A 50 -14.62 -2.85 0.51
N GLU A 51 -14.23 -2.56 1.76
CA GLU A 51 -13.75 -3.59 2.67
C GLU A 51 -14.83 -4.61 2.94
N ASN A 52 -16.10 -4.22 2.93
CA ASN A 52 -17.17 -5.20 3.14
C ASN A 52 -17.21 -6.25 2.03
N GLU A 53 -17.07 -5.75 0.80
CA GLU A 53 -17.12 -6.63 -0.35
C GLU A 53 -15.84 -7.44 -0.47
N VAL A 54 -14.71 -6.93 0.03
CA VAL A 54 -13.46 -7.68 0.08
C VAL A 54 -13.72 -8.83 1.03
N GLY A 55 -14.21 -8.49 2.24
CA GLY A 55 -14.55 -9.41 3.30
C GLY A 55 -15.37 -10.56 2.80
N LEU A 56 -16.42 -10.29 2.01
CA LEU A 56 -17.27 -11.34 1.41
C LEU A 56 -16.50 -12.36 0.60
N GLY A 57 -15.59 -11.88 -0.27
CA GLY A 57 -14.76 -12.76 -1.07
C GLY A 57 -13.84 -13.60 -0.19
N LEU A 58 -13.28 -12.98 0.85
CA LEU A 58 -12.38 -13.71 1.75
C LEU A 58 -13.14 -14.81 2.45
N GLN A 59 -14.30 -14.45 3.00
CA GLN A 59 -15.15 -15.34 3.76
C GLN A 59 -15.55 -16.55 2.97
N GLU A 60 -15.92 -16.33 1.71
CA GLU A 60 -16.30 -17.43 0.86
C GLU A 60 -15.16 -18.43 0.73
N LYS A 61 -13.95 -17.91 0.53
CA LYS A 61 -12.74 -18.71 0.38
C LYS A 61 -12.28 -19.42 1.65
N LEU A 62 -12.42 -18.75 2.79
CA LEU A 62 -12.06 -19.30 4.08
C LEU A 62 -13.03 -20.40 4.48
N GLN A 63 -14.36 -20.17 4.47
CA GLN A 63 -15.31 -21.23 4.84
C GLN A 63 -15.38 -22.32 3.77
N GLY A 64 -15.12 -21.97 2.51
CA GLY A 64 -15.03 -22.94 1.43
C GLY A 64 -13.72 -23.74 1.46
N GLN A 65 -12.94 -23.56 2.54
CA GLN A 65 -11.70 -24.25 2.81
C GLN A 65 -10.63 -24.16 1.73
N VAL A 66 -10.70 -23.14 0.89
CA VAL A 66 -9.77 -22.95 -0.21
C VAL A 66 -8.42 -22.43 0.30
N VAL A 67 -8.42 -21.71 1.44
CA VAL A 67 -7.24 -21.13 2.08
C VAL A 67 -7.42 -21.21 3.58
N LYS A 68 -6.33 -21.28 4.35
CA LYS A 68 -6.44 -21.17 5.80
C LYS A 68 -6.16 -19.70 6.12
N ARG A 69 -6.76 -19.13 7.16
CA ARG A 69 -6.51 -17.75 7.57
C ARG A 69 -5.03 -17.45 7.77
N GLU A 70 -4.28 -18.40 8.34
CA GLU A 70 -2.85 -18.29 8.57
C GLU A 70 -2.07 -18.13 7.27
N ASP A 71 -2.63 -18.54 6.13
CA ASP A 71 -1.99 -18.45 4.83
C ASP A 71 -2.27 -17.13 4.16
N LEU A 72 -3.05 -16.26 4.79
CA LEU A 72 -3.50 -15.04 4.14
C LEU A 72 -2.84 -13.88 4.86
N PHE A 73 -2.39 -12.86 4.13
CA PHE A 73 -1.80 -11.65 4.71
C PHE A 73 -2.76 -10.56 4.25
N ILE A 74 -3.50 -9.97 5.18
CA ILE A 74 -4.54 -9.00 4.84
C ILE A 74 -4.09 -7.74 5.53
N VAL A 75 -4.05 -6.67 4.74
CA VAL A 75 -3.60 -5.37 5.18
C VAL A 75 -4.76 -4.39 5.12
N SER A 76 -4.91 -3.49 6.08
CA SER A 76 -5.82 -2.39 5.94
C SER A 76 -5.09 -1.20 6.55
N LYS A 77 -5.71 -0.02 6.41
CA LYS A 77 -5.11 1.23 6.81
C LYS A 77 -6.08 2.15 7.56
N LEU A 78 -5.60 2.79 8.62
CA LEU A 78 -6.27 3.79 9.42
C LEU A 78 -6.42 5.08 8.63
N TRP A 79 -7.64 5.55 8.38
CA TRP A 79 -7.83 6.75 7.58
C TRP A 79 -7.54 8.02 8.38
N CYS A 80 -7.28 9.12 7.66
CA CYS A 80 -6.86 10.39 8.21
C CYS A 80 -7.80 11.02 9.19
N THR A 81 -9.11 10.77 9.08
CA THR A 81 -10.05 11.33 10.05
C THR A 81 -9.97 10.60 11.40
N ASP A 82 -9.30 9.44 11.45
CA ASP A 82 -9.26 8.63 12.65
C ASP A 82 -7.95 8.65 13.38
N HIS A 83 -7.19 9.74 13.22
CA HIS A 83 -5.89 9.84 13.85
C HIS A 83 -5.97 10.21 15.32
N GLU A 84 -7.01 10.86 15.83
CA GLU A 84 -7.11 11.17 17.26
C GLU A 84 -7.02 9.84 18.01
N LYS A 85 -6.14 9.75 19.00
CA LYS A 85 -5.86 8.52 19.73
C LYS A 85 -7.07 7.66 20.10
N ASN A 86 -8.13 8.33 20.56
CA ASN A 86 -9.37 7.71 21.00
C ASN A 86 -10.20 7.17 19.84
N LEU A 87 -9.97 7.56 18.59
CA LEU A 87 -10.74 7.03 17.49
C LEU A 87 -10.11 5.82 16.82
N VAL A 88 -8.86 5.49 17.14
CA VAL A 88 -8.13 4.42 16.47
C VAL A 88 -8.70 3.00 16.62
N LYS A 89 -9.03 2.57 17.84
CA LYS A 89 -9.53 1.22 18.05
C LYS A 89 -10.87 1.04 17.35
N GLY A 90 -11.70 2.09 17.38
CA GLY A 90 -12.97 2.07 16.70
C GLY A 90 -12.82 1.82 15.21
N ALA A 91 -11.95 2.63 14.61
CA ALA A 91 -11.65 2.51 13.19
C ALA A 91 -11.09 1.13 12.84
N CYS A 92 -10.24 0.55 13.70
CA CYS A 92 -9.68 -0.77 13.43
C CYS A 92 -10.80 -1.79 13.48
N GLN A 93 -11.63 -1.71 14.55
CA GLN A 93 -12.78 -2.60 14.72
C GLN A 93 -13.78 -2.51 13.56
N THR A 94 -14.14 -1.33 13.06
CA THR A 94 -15.03 -1.25 11.90
C THR A 94 -14.46 -2.01 10.71
N THR A 95 -13.15 -1.87 10.48
CA THR A 95 -12.44 -2.56 9.42
C THR A 95 -12.41 -4.07 9.60
N LEU A 96 -12.25 -4.53 10.85
CA LEU A 96 -12.29 -5.96 11.10
C LEU A 96 -13.67 -6.55 10.82
N ARG A 97 -14.70 -5.84 11.26
CA ARG A 97 -16.04 -6.33 11.05
C ARG A 97 -16.38 -6.38 9.57
N ASP A 98 -16.06 -5.32 8.83
CA ASP A 98 -16.30 -5.30 7.40
C ASP A 98 -15.57 -6.35 6.64
N LEU A 99 -14.35 -6.62 7.08
CA LEU A 99 -13.56 -7.65 6.44
C LEU A 99 -13.97 -9.04 6.93
N LYS A 100 -14.76 -9.15 8.01
CA LYS A 100 -15.23 -10.39 8.62
C LYS A 100 -14.07 -11.23 9.14
N LEU A 101 -13.23 -10.51 9.87
CA LEU A 101 -11.99 -11.05 10.39
C LEU A 101 -11.90 -10.81 11.88
N ASP A 102 -11.02 -11.57 12.49
CA ASP A 102 -10.73 -11.51 13.90
C ASP A 102 -9.50 -10.64 14.14
N TYR A 103 -8.54 -10.64 13.21
CA TYR A 103 -7.32 -9.86 13.34
C TYR A 103 -6.88 -9.46 11.95
N LEU A 104 -5.98 -8.48 11.91
CA LEU A 104 -5.35 -8.02 10.67
C LEU A 104 -3.89 -8.45 10.73
N ASP A 105 -3.26 -8.73 9.61
CA ASP A 105 -1.83 -9.05 9.62
C ASP A 105 -0.95 -7.81 9.74
N LEU A 106 -1.45 -6.70 9.18
CA LEU A 106 -0.75 -5.43 9.14
C LEU A 106 -1.79 -4.35 9.10
N TYR A 107 -1.63 -3.36 9.96
CA TYR A 107 -2.48 -2.19 9.96
C TYR A 107 -1.52 -1.01 9.83
N LEU A 108 -1.74 -0.18 8.80
CA LEU A 108 -0.92 0.96 8.48
C LEU A 108 -1.55 2.30 8.83
N ILE A 109 -0.83 3.34 9.35
CA ILE A 109 -1.36 4.70 9.35
C ILE A 109 -1.26 5.10 7.89
N HIS A 110 -2.42 5.41 7.28
CA HIS A 110 -2.51 5.55 5.85
C HIS A 110 -1.75 6.72 5.28
N TRP A 111 -1.81 7.87 5.94
CA TRP A 111 -1.15 9.08 5.48
C TRP A 111 -0.75 9.73 6.80
N PRO A 112 0.35 10.50 6.84
CA PRO A 112 0.75 11.18 8.09
C PRO A 112 -0.19 12.31 8.50
N THR A 113 -1.00 12.77 7.56
CA THR A 113 -1.94 13.86 7.73
C THR A 113 -3.23 13.52 8.46
N GLY A 114 -3.48 14.05 9.65
CA GLY A 114 -4.75 13.83 10.30
C GLY A 114 -5.70 14.90 9.79
N PHE A 115 -6.96 14.54 9.53
CA PHE A 115 -7.97 15.45 9.05
C PHE A 115 -8.95 15.57 10.20
N LYS A 116 -9.75 16.62 10.18
CA LYS A 116 -10.79 16.86 11.17
C LYS A 116 -11.70 15.63 11.26
N PRO A 117 -11.96 15.08 12.46
CA PRO A 117 -12.80 13.90 12.60
C PRO A 117 -14.26 14.23 12.30
N GLY A 118 -14.96 13.25 11.79
CA GLY A 118 -16.36 13.37 11.45
C GLY A 118 -16.67 12.31 10.43
N LYS A 119 -17.92 12.20 9.99
CA LYS A 119 -18.34 11.22 9.01
C LYS A 119 -17.71 11.36 7.64
N ASP A 120 -17.39 12.58 7.25
CA ASP A 120 -16.88 12.87 5.92
C ASP A 120 -15.40 12.53 5.88
N PRO A 121 -14.96 11.66 4.97
CA PRO A 121 -13.54 11.29 4.87
C PRO A 121 -12.57 12.39 4.43
N PHE A 122 -13.07 13.42 3.73
CA PHE A 122 -12.26 14.55 3.27
C PHE A 122 -12.97 15.84 3.68
N PRO A 123 -12.96 16.28 4.95
CA PRO A 123 -13.57 17.52 5.40
C PRO A 123 -12.88 18.70 4.72
N LEU A 124 -13.60 19.43 3.90
CA LEU A 124 -12.99 20.53 3.15
C LEU A 124 -13.42 21.88 3.71
N ASP A 125 -12.58 22.90 3.52
CA ASP A 125 -12.92 24.26 3.94
C ASP A 125 -13.32 25.08 2.71
N GLY A 126 -13.69 26.36 2.92
CA GLY A 126 -14.08 27.27 1.85
C GLY A 126 -13.15 27.29 0.64
N ASP A 127 -11.85 27.29 0.87
CA ASP A 127 -10.91 27.28 -0.25
C ASP A 127 -10.60 25.94 -0.88
N GLY A 128 -11.36 24.87 -0.57
CA GLY A 128 -11.12 23.55 -1.15
C GLY A 128 -9.76 22.97 -0.75
N ASN A 129 -9.50 23.26 0.50
CA ASN A 129 -8.28 22.86 1.16
C ASN A 129 -8.79 21.90 2.23
N VAL A 130 -8.06 20.81 2.52
CA VAL A 130 -8.52 19.86 3.50
C VAL A 130 -8.25 20.40 4.90
N VAL A 131 -9.17 20.12 5.81
CA VAL A 131 -9.11 20.61 7.18
C VAL A 131 -8.35 19.64 8.07
N PRO A 132 -7.24 20.11 8.67
CA PRO A 132 -6.42 19.36 9.62
C PRO A 132 -7.11 19.19 10.94
N ASP A 133 -6.52 18.44 11.87
CA ASP A 133 -7.09 18.31 13.20
C ASP A 133 -6.00 18.69 14.19
N GLU A 134 -6.27 18.39 15.47
CA GLU A 134 -5.36 18.60 16.56
C GLU A 134 -4.63 17.32 16.94
N SER A 135 -3.92 16.65 16.03
CA SER A 135 -3.16 15.48 16.42
C SER A 135 -1.82 15.37 15.68
N ASP A 136 -0.94 14.65 16.38
CA ASP A 136 0.40 14.36 15.88
C ASP A 136 0.44 12.85 15.69
N PHE A 137 1.00 12.34 14.61
CA PHE A 137 1.00 10.90 14.35
C PHE A 137 1.75 10.05 15.37
N VAL A 138 2.64 10.64 16.16
CA VAL A 138 3.33 9.93 17.23
C VAL A 138 2.29 9.54 18.30
N GLU A 139 1.21 10.29 18.50
CA GLU A 139 0.12 9.94 19.43
C GLU A 139 -0.72 8.84 18.77
N THR A 140 -1.07 8.96 17.50
CA THR A 140 -1.78 7.91 16.78
C THR A 140 -1.00 6.60 16.89
N TRP A 141 0.34 6.66 16.76
CA TRP A 141 1.18 5.48 16.85
C TRP A 141 1.02 4.73 18.17
N GLU A 142 0.94 5.43 19.31
CA GLU A 142 0.70 4.82 20.61
C GLU A 142 -0.58 4.00 20.62
N ALA A 143 -1.63 4.53 19.99
CA ALA A 143 -2.91 3.84 19.90
C ALA A 143 -2.83 2.64 18.99
N MET A 144 -2.09 2.79 17.89
CA MET A 144 -1.75 1.68 16.99
C MET A 144 -0.98 0.56 17.70
N GLU A 145 -0.15 0.90 18.69
CA GLU A 145 0.56 -0.08 19.50
C GLU A 145 -0.35 -0.91 20.41
N GLU A 146 -1.37 -0.25 21.00
CA GLU A 146 -2.36 -0.95 21.81
C GLU A 146 -3.12 -1.97 20.98
N LEU A 147 -3.29 -1.77 19.67
CA LEU A 147 -3.93 -2.77 18.82
C LEU A 147 -3.11 -4.05 18.78
N VAL A 148 -1.76 -3.93 18.80
CA VAL A 148 -0.88 -5.10 18.78
C VAL A 148 -1.04 -5.78 20.13
N ASP A 149 -0.92 -5.03 21.22
CA ASP A 149 -1.08 -5.56 22.56
C ASP A 149 -2.30 -6.44 22.75
N GLU A 150 -3.44 -5.96 22.26
CA GLU A 150 -4.71 -6.66 22.31
C GLU A 150 -4.90 -7.77 21.28
N GLY A 151 -3.98 -7.97 20.34
CA GLY A 151 -4.11 -9.07 19.41
C GLY A 151 -4.97 -8.74 18.23
N LEU A 152 -5.43 -7.48 18.07
CA LEU A 152 -6.29 -7.14 16.93
C LEU A 152 -5.52 -7.07 15.63
N VAL A 153 -4.22 -6.71 15.66
CA VAL A 153 -3.39 -6.71 14.47
C VAL A 153 -2.05 -7.38 14.83
N LYS A 154 -1.42 -8.08 13.88
CA LYS A 154 -0.16 -8.77 14.10
C LYS A 154 1.08 -7.91 13.91
N ALA A 155 1.00 -6.75 13.25
CA ALA A 155 2.11 -5.86 12.99
C ALA A 155 1.52 -4.51 12.65
N ILE A 156 2.19 -3.40 12.94
CA ILE A 156 1.72 -2.08 12.54
C ILE A 156 2.78 -1.41 11.67
N GLY A 157 2.41 -0.52 10.78
CA GLY A 157 3.32 0.12 9.85
C GLY A 157 2.78 1.49 9.48
N VAL A 158 3.34 2.13 8.46
CA VAL A 158 2.95 3.48 8.09
C VAL A 158 2.90 3.51 6.58
N SER A 159 2.46 4.60 5.98
CA SER A 159 2.34 4.67 4.54
C SER A 159 2.48 6.16 4.27
N ASN A 160 3.25 6.41 3.21
CA ASN A 160 3.58 7.76 2.72
C ASN A 160 4.28 8.60 3.78
N PHE A 161 5.08 8.01 4.66
CA PHE A 161 5.80 8.82 5.67
C PHE A 161 7.15 9.12 5.03
N ASN A 162 7.62 10.35 5.13
CA ASN A 162 8.96 10.66 4.64
C ASN A 162 9.96 10.20 5.71
N HIS A 163 11.25 10.04 5.38
CA HIS A 163 12.21 9.49 6.35
C HIS A 163 12.31 10.25 7.66
N LEU A 164 11.99 11.54 7.69
CA LEU A 164 12.04 12.32 8.93
C LEU A 164 10.85 12.03 9.83
N GLN A 165 9.74 11.63 9.19
CA GLN A 165 8.53 11.26 9.92
C GLN A 165 8.72 9.88 10.51
N VAL A 166 9.33 8.95 9.74
CA VAL A 166 9.67 7.63 10.29
C VAL A 166 10.58 7.80 11.49
N GLU A 167 11.59 8.69 11.39
CA GLU A 167 12.48 9.01 12.49
C GLU A 167 11.76 9.50 13.74
N LYS A 168 10.75 10.33 13.56
CA LYS A 168 9.95 10.83 14.67
C LYS A 168 9.39 9.65 15.48
N ILE A 169 8.92 8.59 14.80
CA ILE A 169 8.38 7.39 15.44
C ILE A 169 9.51 6.61 16.10
N LEU A 170 10.55 6.30 15.32
CA LEU A 170 11.68 5.55 15.83
C LEU A 170 12.36 6.20 17.03
N ASN A 171 12.35 7.53 17.10
CA ASN A 171 12.99 8.20 18.21
C ASN A 171 12.00 8.53 19.32
N LYS A 172 10.82 7.93 19.33
CA LYS A 172 9.79 8.23 20.31
C LYS A 172 10.11 7.63 21.68
N PRO A 173 10.14 8.42 22.77
CA PRO A 173 10.31 7.90 24.12
C PRO A 173 9.21 6.92 24.49
N GLY A 174 9.56 5.71 24.89
CA GLY A 174 8.55 4.75 25.27
C GLY A 174 8.07 3.92 24.10
N LEU A 175 8.66 4.02 22.90
CA LEU A 175 8.26 3.19 21.78
C LEU A 175 8.24 1.70 22.12
N LYS A 176 7.06 1.09 21.95
CA LYS A 176 6.91 -0.34 22.17
C LYS A 176 7.17 -1.06 20.87
N TYR A 177 6.52 -0.74 19.75
CA TYR A 177 6.71 -1.46 18.50
C TYR A 177 7.05 -0.47 17.41
N LYS A 178 7.94 -0.80 16.49
CA LYS A 178 8.37 0.14 15.49
C LYS A 178 7.70 -0.20 14.16
N PRO A 179 7.61 0.70 13.17
CA PRO A 179 7.00 0.43 11.89
C PRO A 179 7.61 -0.80 11.23
N ALA A 180 6.76 -1.80 11.05
CA ALA A 180 7.19 -2.98 10.33
C ALA A 180 7.28 -2.70 8.85
N VAL A 181 6.44 -1.80 8.32
CA VAL A 181 6.36 -1.51 6.87
C VAL A 181 6.16 -0.01 6.64
N ASN A 182 6.55 0.47 5.45
CA ASN A 182 6.29 1.82 4.98
C ASN A 182 5.91 1.59 3.53
N GLN A 183 4.62 1.81 3.22
CA GLN A 183 4.09 1.58 1.88
C GLN A 183 4.10 2.90 1.12
N ILE A 184 4.75 2.96 -0.04
CA ILE A 184 4.96 4.25 -0.69
C ILE A 184 4.85 4.03 -2.19
N GLU A 185 4.73 5.12 -2.94
CA GLU A 185 4.62 5.09 -4.39
C GLU A 185 5.99 4.80 -4.96
N VAL A 186 6.16 3.74 -5.74
CA VAL A 186 7.43 3.40 -6.35
C VAL A 186 7.10 2.84 -7.73
N HIS A 187 7.70 3.42 -8.78
CA HIS A 187 7.56 2.95 -10.16
C HIS A 187 8.74 3.53 -10.98
N PRO A 188 9.12 3.22 -12.24
CA PRO A 188 10.25 3.81 -12.95
C PRO A 188 10.37 5.32 -12.85
N TYR A 189 9.27 6.06 -13.00
CA TYR A 189 9.34 7.51 -12.86
C TYR A 189 9.50 8.06 -11.45
N LEU A 190 9.61 7.24 -10.41
CA LEU A 190 9.78 7.68 -9.03
C LEU A 190 10.31 6.39 -8.41
N THR A 191 11.61 6.16 -8.57
CA THR A 191 12.26 4.95 -8.08
C THR A 191 12.61 4.92 -6.59
N GLN A 192 12.57 6.09 -5.95
CA GLN A 192 12.64 6.20 -4.50
C GLN A 192 13.79 5.59 -3.72
N GLU A 193 14.92 5.30 -4.38
CA GLU A 193 16.02 4.66 -3.69
C GLU A 193 16.56 5.30 -2.42
N LYS A 194 16.45 6.61 -2.18
CA LYS A 194 16.88 7.10 -0.87
C LYS A 194 15.91 6.70 0.24
N LEU A 195 14.58 6.76 0.05
CA LEU A 195 13.63 6.40 1.10
C LEU A 195 13.70 4.90 1.29
N ILE A 196 13.81 4.14 0.21
CA ILE A 196 13.93 2.69 0.29
C ILE A 196 15.15 2.29 1.11
N GLU A 197 16.31 2.85 0.76
CA GLU A 197 17.59 2.63 1.42
C GLU A 197 17.52 2.97 2.90
N TYR A 198 16.90 4.10 3.21
CA TYR A 198 16.69 4.52 4.59
C TYR A 198 15.87 3.46 5.33
N CYS A 199 14.71 3.05 4.76
CA CYS A 199 13.78 2.11 5.39
C CYS A 199 14.46 0.78 5.62
N LYS A 200 15.11 0.28 4.59
CA LYS A 200 15.84 -0.94 4.70
C LYS A 200 16.91 -0.83 5.77
N SER A 201 17.68 0.26 5.91
CA SER A 201 18.67 0.34 6.97
C SER A 201 18.04 0.33 8.34
N LYS A 202 16.77 0.72 8.43
CA LYS A 202 16.08 0.72 9.70
C LYS A 202 15.36 -0.59 9.94
N GLY A 203 15.29 -1.48 8.94
CA GLY A 203 14.66 -2.80 9.04
C GLY A 203 13.16 -2.77 8.75
N ILE A 204 12.77 -1.83 7.89
CA ILE A 204 11.38 -1.59 7.55
C ILE A 204 11.20 -2.07 6.13
N VAL A 205 10.28 -3.00 5.93
CA VAL A 205 9.99 -3.49 4.59
C VAL A 205 9.27 -2.39 3.82
N VAL A 206 9.46 -2.34 2.51
CA VAL A 206 8.85 -1.36 1.65
C VAL A 206 7.89 -2.09 0.73
N THR A 207 6.72 -1.49 0.52
CA THR A 207 5.69 -1.99 -0.37
C THR A 207 5.53 -0.84 -1.35
N ALA A 208 5.71 -1.19 -2.62
CA ALA A 208 5.63 -0.23 -3.70
C ALA A 208 4.21 -0.25 -4.19
N TYR A 209 3.52 0.86 -4.04
CA TYR A 209 2.17 0.94 -4.53
C TYR A 209 2.25 1.67 -5.85
N SER A 210 1.15 1.58 -6.60
CA SER A 210 1.08 2.10 -7.96
C SER A 210 2.26 1.71 -8.87
N PRO A 211 2.60 0.41 -8.99
CA PRO A 211 3.66 -0.13 -9.84
C PRO A 211 3.52 0.26 -11.32
N LEU A 212 2.28 0.42 -11.79
CA LEU A 212 1.99 0.73 -13.18
C LEU A 212 1.60 2.20 -13.32
N GLY A 213 1.91 2.99 -12.29
CA GLY A 213 1.64 4.41 -12.31
C GLY A 213 0.16 4.81 -12.29
N SER A 214 -0.72 3.91 -11.84
CA SER A 214 -2.15 4.19 -11.72
C SER A 214 -2.86 4.84 -12.92
N PRO A 215 -2.92 4.17 -14.08
CA PRO A 215 -3.65 4.66 -15.26
C PRO A 215 -5.06 5.14 -14.98
N ASP A 216 -5.72 4.45 -14.07
CA ASP A 216 -7.09 4.71 -13.67
C ASP A 216 -7.29 5.71 -12.54
N ARG A 217 -6.26 6.48 -12.15
CA ARG A 217 -6.44 7.44 -11.07
C ARG A 217 -7.41 8.54 -11.50
N PRO A 218 -8.27 9.09 -10.63
CA PRO A 218 -9.28 10.08 -10.99
C PRO A 218 -8.73 11.31 -11.71
N TRP A 219 -7.66 11.88 -11.15
CA TRP A 219 -7.01 13.06 -11.68
C TRP A 219 -6.10 12.87 -12.90
N ALA A 220 -6.19 11.75 -13.61
CA ALA A 220 -5.33 11.48 -14.75
C ALA A 220 -5.59 12.41 -15.93
N LYS A 221 -4.83 13.50 -16.02
CA LYS A 221 -4.96 14.39 -17.16
C LYS A 221 -4.33 13.74 -18.40
N PRO A 222 -4.93 13.80 -19.59
CA PRO A 222 -4.51 13.03 -20.75
C PRO A 222 -3.09 13.25 -21.27
N GLU A 223 -2.38 14.26 -20.79
CA GLU A 223 -1.03 14.53 -21.22
C GLU A 223 -0.14 14.27 -20.01
N ASP A 224 -0.27 13.05 -19.52
CA ASP A 224 0.50 12.56 -18.39
C ASP A 224 1.14 11.28 -18.87
N PRO A 225 2.38 10.98 -18.47
CA PRO A 225 3.11 9.82 -18.98
C PRO A 225 2.59 8.45 -18.53
N SER A 226 2.11 7.67 -19.48
CA SER A 226 1.62 6.35 -19.15
C SER A 226 2.80 5.38 -19.18
N LEU A 227 3.19 4.87 -18.01
CA LEU A 227 4.23 3.86 -17.87
C LEU A 227 3.90 2.63 -18.70
N LEU A 228 2.62 2.28 -18.78
CA LEU A 228 2.23 1.09 -19.53
C LEU A 228 2.46 1.24 -21.03
N GLU A 229 2.23 2.46 -21.53
CA GLU A 229 2.40 2.74 -22.94
C GLU A 229 3.77 3.33 -23.24
N ASP A 230 4.68 3.45 -22.27
CA ASP A 230 6.01 4.01 -22.50
C ASP A 230 6.82 3.08 -23.39
N PRO A 231 7.06 3.45 -24.66
CA PRO A 231 7.63 2.57 -25.69
C PRO A 231 8.92 1.88 -25.30
N ARG A 232 9.67 2.59 -24.45
CA ARG A 232 10.94 2.14 -23.90
C ARG A 232 10.75 0.86 -23.06
N ILE A 233 9.76 0.89 -22.16
CA ILE A 233 9.49 -0.25 -21.29
C ILE A 233 8.71 -1.29 -22.10
N LYS A 234 8.01 -0.89 -23.16
CA LYS A 234 7.41 -1.87 -24.05
C LYS A 234 8.51 -2.66 -24.74
N ALA A 235 9.60 -1.97 -25.10
CA ALA A 235 10.75 -2.57 -25.77
C ALA A 235 11.48 -3.59 -24.88
N ILE A 236 11.80 -3.20 -23.64
CA ILE A 236 12.44 -4.11 -22.71
C ILE A 236 11.50 -5.31 -22.45
N ALA A 237 10.18 -5.09 -22.42
CA ALA A 237 9.20 -6.17 -22.26
C ALA A 237 9.14 -7.09 -23.47
N ALA A 238 9.24 -6.50 -24.68
CA ALA A 238 9.29 -7.27 -25.92
C ALA A 238 10.48 -8.22 -25.90
N LYS A 239 11.67 -7.74 -25.51
CA LYS A 239 12.86 -8.58 -25.37
C LYS A 239 12.57 -9.75 -24.43
N TYR A 240 11.73 -9.46 -23.46
CA TYR A 240 11.36 -10.46 -22.49
C TYR A 240 10.18 -11.36 -22.85
N ASN A 241 9.38 -10.99 -23.85
CA ASN A 241 8.14 -11.67 -24.24
C ASN A 241 7.28 -11.83 -22.98
N LYS A 242 7.01 -10.63 -22.50
CA LYS A 242 6.30 -10.37 -21.25
C LYS A 242 5.60 -9.03 -21.50
N THR A 243 4.73 -8.51 -20.64
CA THR A 243 4.09 -7.22 -20.90
C THR A 243 4.75 -6.13 -20.08
N THR A 244 4.49 -4.85 -20.43
CA THR A 244 4.95 -3.71 -19.66
C THR A 244 4.47 -3.92 -18.22
N ALA A 245 3.20 -4.30 -17.99
CA ALA A 245 2.70 -4.56 -16.64
C ALA A 245 3.57 -5.58 -15.90
N GLN A 246 3.85 -6.71 -16.54
CA GLN A 246 4.67 -7.75 -15.95
C GLN A 246 6.07 -7.31 -15.57
N VAL A 247 6.77 -6.54 -16.42
CA VAL A 247 8.11 -6.10 -16.07
C VAL A 247 8.00 -4.97 -15.06
N LEU A 248 6.94 -4.16 -15.12
CA LEU A 248 6.72 -3.09 -14.14
C LEU A 248 6.43 -3.65 -12.74
N ILE A 249 5.90 -4.87 -12.67
CA ILE A 249 5.68 -5.56 -11.42
C ILE A 249 6.97 -6.28 -11.07
N ARG A 250 7.73 -6.83 -12.02
CA ARG A 250 8.97 -7.53 -11.69
C ARG A 250 10.02 -6.64 -11.03
N PHE A 251 10.17 -5.44 -11.60
CA PHE A 251 11.06 -4.40 -11.10
C PHE A 251 11.02 -4.21 -9.56
N PRO A 252 9.96 -3.84 -8.81
CA PRO A 252 9.96 -3.78 -7.36
C PRO A 252 10.39 -5.07 -6.70
N MET A 253 9.92 -6.21 -7.21
CA MET A 253 10.24 -7.51 -6.65
C MET A 253 11.74 -7.72 -6.59
N GLN A 254 12.40 -7.45 -7.73
CA GLN A 254 13.84 -7.54 -7.85
C GLN A 254 14.59 -6.60 -6.92
N ARG A 255 14.01 -5.41 -6.66
CA ARG A 255 14.64 -4.49 -5.74
C ARG A 255 14.31 -4.84 -4.29
N ASN A 256 13.73 -6.02 -4.03
CA ASN A 256 13.39 -6.51 -2.71
C ASN A 256 12.31 -5.69 -2.00
N LEU A 257 11.29 -5.34 -2.79
CA LEU A 257 10.14 -4.57 -2.33
C LEU A 257 8.87 -5.37 -2.59
N ILE A 258 7.92 -5.28 -1.67
CA ILE A 258 6.61 -5.92 -1.76
C ILE A 258 5.88 -5.17 -2.87
N VAL A 259 5.20 -5.80 -3.81
CA VAL A 259 4.43 -5.12 -4.84
C VAL A 259 2.94 -5.40 -4.66
N ILE A 260 2.07 -4.39 -4.79
CA ILE A 260 0.61 -4.61 -4.74
C ILE A 260 -0.12 -3.99 -5.94
N PRO A 261 -0.04 -4.50 -7.17
CA PRO A 261 -0.79 -4.01 -8.32
C PRO A 261 -2.32 -4.23 -8.23
N LYS A 262 -3.09 -3.28 -8.75
CA LYS A 262 -4.53 -3.37 -8.67
C LYS A 262 -5.11 -3.72 -10.01
N SER A 263 -6.07 -4.63 -9.99
CA SER A 263 -6.86 -4.97 -11.14
C SER A 263 -8.11 -5.67 -10.67
N VAL A 264 -9.19 -5.32 -11.35
CA VAL A 264 -10.46 -6.03 -11.16
C VAL A 264 -10.70 -6.92 -12.38
N THR A 265 -9.88 -6.85 -13.45
CA THR A 265 -10.10 -7.70 -14.60
C THR A 265 -9.45 -9.07 -14.34
N PRO A 266 -10.16 -10.20 -14.34
CA PRO A 266 -9.66 -11.55 -14.01
C PRO A 266 -8.41 -11.99 -14.78
N GLU A 267 -8.44 -11.70 -16.08
CA GLU A 267 -7.34 -12.03 -16.99
C GLU A 267 -6.05 -11.34 -16.55
N ARG A 268 -6.20 -10.05 -16.22
CA ARG A 268 -5.10 -9.21 -15.81
C ARG A 268 -4.60 -9.62 -14.45
N ILE A 269 -5.48 -10.01 -13.52
CA ILE A 269 -5.06 -10.50 -12.22
C ILE A 269 -4.19 -11.74 -12.45
N ALA A 270 -4.59 -12.63 -13.39
CA ALA A 270 -3.81 -13.82 -13.71
C ALA A 270 -2.47 -13.50 -14.37
N GLU A 271 -2.44 -12.47 -15.23
CA GLU A 271 -1.22 -12.01 -15.88
C GLU A 271 -0.25 -11.51 -14.81
N ASN A 272 -0.74 -10.68 -13.88
CA ASN A 272 0.06 -10.05 -12.85
C ASN A 272 0.69 -11.02 -11.87
N PHE A 273 0.23 -12.26 -11.87
CA PHE A 273 0.81 -13.29 -11.02
C PHE A 273 1.86 -14.08 -11.81
N GLN A 274 1.79 -14.01 -13.15
CA GLN A 274 2.76 -14.67 -14.03
C GLN A 274 4.01 -13.82 -14.18
N VAL A 275 4.73 -13.67 -13.08
CA VAL A 275 5.94 -12.86 -13.02
C VAL A 275 7.04 -13.53 -12.21
N PHE A 276 6.78 -14.57 -11.42
CA PHE A 276 7.82 -15.24 -10.64
C PHE A 276 8.58 -16.24 -11.51
N ASP A 277 8.84 -15.96 -12.78
CA ASP A 277 9.41 -16.97 -13.66
C ASP A 277 10.46 -16.41 -14.61
N PHE A 278 10.92 -15.18 -14.38
CA PHE A 278 11.91 -14.57 -15.22
C PHE A 278 12.59 -13.52 -14.37
N GLU A 279 13.81 -13.16 -14.77
CA GLU A 279 14.59 -12.15 -14.07
C GLU A 279 15.02 -11.15 -15.11
N LEU A 280 15.14 -9.92 -14.63
CA LEU A 280 15.58 -8.80 -15.41
C LEU A 280 17.08 -8.77 -15.21
N SER A 281 17.83 -8.69 -16.31
CA SER A 281 19.26 -8.65 -16.17
C SER A 281 19.66 -7.24 -15.77
N PRO A 282 20.75 -7.05 -15.01
CA PRO A 282 21.10 -5.79 -14.34
C PRO A 282 21.09 -4.54 -15.20
N GLU A 283 21.28 -4.71 -16.50
CA GLU A 283 21.22 -3.62 -17.46
C GLU A 283 19.80 -3.05 -17.44
N ASP A 284 18.82 -3.94 -17.63
CA ASP A 284 17.41 -3.57 -17.68
C ASP A 284 17.03 -2.86 -16.40
N MET A 285 17.39 -3.49 -15.28
CA MET A 285 17.13 -2.92 -13.97
C MET A 285 17.62 -1.49 -13.88
N ASN A 286 18.82 -1.24 -14.41
CA ASN A 286 19.40 0.09 -14.36
C ASN A 286 18.79 1.05 -15.34
N THR A 287 18.27 0.58 -16.48
CA THR A 287 17.58 1.43 -17.44
C THR A 287 16.23 1.85 -16.88
N LEU A 288 15.53 0.90 -16.22
CA LEU A 288 14.23 1.18 -15.63
C LEU A 288 14.47 2.23 -14.56
N LEU A 289 15.47 2.02 -13.71
CA LEU A 289 15.84 3.01 -12.74
C LEU A 289 16.20 4.37 -13.35
N SER A 290 16.83 4.44 -14.55
CA SER A 290 17.19 5.73 -15.13
C SER A 290 16.00 6.51 -15.66
N TYR A 291 14.80 5.93 -15.64
CA TYR A 291 13.61 6.69 -15.97
C TYR A 291 13.13 7.59 -14.84
N ASN A 292 13.81 7.60 -13.69
CA ASN A 292 13.41 8.43 -12.57
C ASN A 292 13.24 9.88 -12.92
N ARG A 293 11.98 10.25 -12.95
CA ARG A 293 11.58 11.60 -13.27
C ARG A 293 11.19 12.32 -12.00
N ASN A 294 11.13 11.59 -10.88
CA ASN A 294 10.58 12.11 -9.63
C ASN A 294 9.12 12.50 -9.87
N TRP A 295 8.46 11.77 -10.78
CA TRP A 295 7.07 11.97 -11.11
C TRP A 295 6.25 11.06 -10.23
N ARG A 296 5.42 11.82 -9.54
CA ARG A 296 4.61 11.32 -8.48
C ARG A 296 3.15 11.51 -8.82
N VAL A 297 2.53 10.37 -9.13
CA VAL A 297 1.10 10.21 -9.35
C VAL A 297 0.22 10.58 -8.13
N CYS A 298 0.64 10.23 -6.92
CA CYS A 298 -0.11 10.53 -5.71
C CYS A 298 0.64 11.61 -4.96
N ALA A 299 0.49 12.81 -5.49
CA ALA A 299 1.11 13.98 -4.92
C ALA A 299 0.23 14.65 -3.90
N LEU A 300 -1.08 14.67 -4.18
CA LEU A 300 -2.15 15.26 -3.38
C LEU A 300 -1.96 16.65 -2.81
N MET A 301 -1.93 17.51 -3.81
CA MET A 301 -1.75 18.94 -3.64
C MET A 301 -2.78 19.55 -2.70
N SER A 302 -4.00 19.04 -2.63
CA SER A 302 -5.04 19.55 -1.73
C SER A 302 -4.71 19.50 -0.24
N CYS A 303 -3.66 18.73 0.04
CA CYS A 303 -3.18 18.49 1.39
C CYS A 303 -1.88 19.26 1.67
N ALA A 304 -1.22 19.83 0.65
CA ALA A 304 0.12 20.45 0.76
C ALA A 304 0.42 21.43 1.84
N SER A 305 -0.58 22.10 2.39
CA SER A 305 -0.31 23.08 3.42
C SER A 305 -0.43 22.48 4.79
N HIS A 306 -0.81 21.21 4.84
CA HIS A 306 -0.88 20.47 6.10
C HIS A 306 0.51 20.40 6.73
N LYS A 307 0.61 20.65 8.03
CA LYS A 307 1.86 20.52 8.76
C LYS A 307 2.59 19.20 8.55
N ASP A 308 1.92 18.05 8.35
CA ASP A 308 2.62 16.78 8.22
C ASP A 308 2.59 16.24 6.81
N TYR A 309 2.36 17.13 5.86
CA TYR A 309 2.34 16.74 4.46
C TYR A 309 3.70 16.19 4.08
N PRO A 310 3.80 14.93 3.65
CA PRO A 310 5.07 14.21 3.58
C PRO A 310 6.04 14.64 2.51
N PHE A 311 5.54 15.16 1.38
CA PHE A 311 6.35 15.37 0.18
C PHE A 311 7.04 16.72 -0.04
N HIS A 312 7.17 17.58 0.96
CA HIS A 312 7.97 18.80 0.77
C HIS A 312 9.40 18.41 1.09
N GLU A 313 9.63 17.24 1.66
CA GLU A 313 10.95 16.78 2.00
C GLU A 313 11.50 16.03 0.80
N GLU A 314 12.82 16.05 0.63
CA GLU A 314 13.52 15.36 -0.45
C GLU A 314 13.18 13.88 -0.50
N TYR A 315 13.16 13.26 0.68
CA TYR A 315 12.76 11.87 0.84
C TYR A 315 12.42 11.67 2.31
PA NAP B . -1.81 0.50 -10.35
O1A NAP B . -0.52 1.12 -10.75
O2A NAP B . -1.80 -0.88 -9.81
O5B NAP B . -2.75 0.56 -11.65
C5B NAP B . -4.06 -0.01 -11.65
C4B NAP B . -4.59 0.18 -13.06
O4B NAP B . -3.72 -0.55 -13.95
C3B NAP B . -6.00 -0.35 -13.27
O3B NAP B . -6.69 0.40 -14.26
C2B NAP B . -5.78 -1.78 -13.73
O2B NAP B . -6.86 -2.13 -14.62
C1B NAP B . -4.50 -1.60 -14.54
N9A NAP B . -3.77 -2.88 -14.71
C8A NAP B . -3.57 -3.84 -13.79
N7A NAP B . -3.05 -4.95 -14.34
C5A NAP B . -2.92 -4.62 -15.62
C6A NAP B . -2.42 -5.44 -16.61
N6A NAP B . -1.98 -6.65 -16.33
N1A NAP B . -2.39 -4.92 -17.85
C2A NAP B . -2.78 -3.67 -18.11
N3A NAP B . -3.25 -2.87 -17.15
C4A NAP B . -3.35 -3.34 -15.89
O3 NAP B . -2.54 1.57 -9.40
PN NAP B . -3.07 1.68 -7.89
O1N NAP B . -4.35 0.96 -7.79
O2N NAP B . -3.01 3.07 -7.40
O5D NAP B . -1.91 0.90 -7.08
C5D NAP B . -2.10 -0.45 -6.68
C4D NAP B . -2.56 -0.50 -5.24
O4D NAP B . -1.67 0.30 -4.43
C3D NAP B . -3.92 0.11 -4.97
O3D NAP B . -5.03 -0.70 -5.36
C2D NAP B . -3.85 0.29 -3.46
O2D NAP B . -4.22 -0.97 -2.88
C1D NAP B . -2.39 0.68 -3.25
N1N NAP B . -2.19 2.13 -3.06
C2N NAP B . -1.92 2.62 -1.76
C3N NAP B . -1.86 3.99 -1.54
C7N NAP B . -1.46 4.56 -0.16
O7N NAP B . -1.45 5.78 0.01
N7N NAP B . -1.10 3.68 0.77
C4N NAP B . -2.09 4.87 -2.59
C5N NAP B . -2.36 4.40 -3.88
C6N NAP B . -2.40 3.03 -4.12
P2B NAP B . -8.24 -2.83 -14.19
O1X NAP B . -8.10 -4.20 -14.72
O2X NAP B . -8.34 -2.79 -12.71
O3X NAP B . -9.23 -1.99 -14.90
HO3A NAP B . -7.59 -0.01 -14.41
H61A NAP B . -1.97 -6.97 -15.39
H62A NAP B . -1.60 -7.24 -17.05
HO3N NAP B . -5.39 -0.35 -6.23
HO2N NAP B . -3.39 -1.50 -2.73
H71N NAP B . -1.12 2.70 0.58
H72N NAP B . -0.72 4.00 1.64
C1 TOL C . -6.59 14.49 -0.58
F1 TOL C . -6.26 14.94 -1.82
F2 TOL C . -5.95 15.32 0.31
F3 TOL C . -7.92 14.67 -0.41
C2 TOL C . -6.20 13.01 -0.38
C3 TOL C . -5.33 12.56 0.65
O1 TOL C . -4.81 13.42 1.49
C4 TOL C . -3.97 12.81 2.46
C5 TOL C . -5.04 11.19 0.75
C6 TOL C . -5.59 10.27 -0.15
C7 TOL C . -6.45 10.72 -1.18
C8 TOL C . -7.01 9.78 -2.08
C9 TOL C . -7.86 10.23 -3.10
C10 TOL C . -8.17 11.59 -3.22
C11 TOL C . -7.62 12.51 -2.32
C12 TOL C . -6.76 12.08 -1.29
C13 TOL C . -6.73 8.29 -2.02
S1 TOL C . -7.86 7.26 -1.27
N1 TOL C . -5.62 7.81 -2.58
C14 TOL C . -4.73 8.70 -3.31
C15 TOL C . -5.27 6.39 -2.50
C16 TOL C . -4.79 6.02 -1.08
O2 TOL C . -4.65 4.87 -0.74
O3 TOL C . -4.54 7.04 -0.26
#